data_4L9A
#
_entry.id   4L9A
#
_cell.length_a   43.504
_cell.length_b   135.958
_cell.length_c   51.568
_cell.angle_alpha   90.00
_cell.angle_beta   92.51
_cell.angle_gamma   90.00
#
_symmetry.space_group_name_H-M   'P 1 21 1'
#
loop_
_entity.id
_entity.type
_entity.pdbx_description
1 polymer 'Putative uncharacterized protein Smu.1393c'
2 non-polymer GLYCEROL
3 water water
#
_entity_poly.entity_id   1
_entity_poly.type   'polypeptide(L)'
_entity_poly.pdbx_seq_one_letter_code
;GSH(MSE)AS(MSE)TGGQQ(MSE)GRGS(MSE)AALNKE(MSE)VNTLLGPIYTCHREGNPCFVFLSGAGFFSTADNFA
NIIDKLPDSIGILTIDAPNSGYSPVSNQANVGLRDWVNAIL(MSE)IFEHFKFQSYLLCVHSIGGFAALQI(MSE)NQSS
KACLGFIGLEPTTV(MSE)IYRAGFSSDLYPQLALRRQKLKTAADRLNYLKDLSRSHFSSQQFKQLWRGYDYCQRQLNDV
QSLPDFKIRLALGEEDFKTGISEKIPSIVFSESFREKEYLESEYLNKHTQTKLILCGQHHYLHWSETNSILEKVEQLLSN
HEKL
;
_entity_poly.pdbx_strand_id   A,B
#
loop_
_chem_comp.id
_chem_comp.type
_chem_comp.name
_chem_comp.formula
GOL non-polymer GLYCEROL 'C3 H8 O3'
#
# COMPACT_ATOMS: atom_id res chain seq x y z
N ALA A 20 -8.47 -11.95 23.42
CA ALA A 20 -7.70 -10.91 22.78
C ALA A 20 -8.16 -10.70 21.34
N LEU A 21 -7.51 -9.78 20.64
CA LEU A 21 -7.90 -9.47 19.26
C LEU A 21 -6.94 -10.13 18.26
N ASN A 22 -7.49 -10.60 17.15
CA ASN A 22 -6.67 -11.15 16.07
C ASN A 22 -6.22 -10.05 15.12
N LYS A 23 -4.91 -9.98 14.91
CA LYS A 23 -4.32 -9.00 14.00
C LYS A 23 -4.28 -9.58 12.59
N GLU A 24 -4.68 -8.79 11.61
CA GLU A 24 -4.64 -9.24 10.22
C GLU A 24 -4.50 -8.09 9.24
N MSE A 25 -3.55 -8.23 8.32
CA MSE A 25 -3.47 -7.34 7.16
C MSE A 25 -4.50 -7.83 6.15
O MSE A 25 -4.33 -8.89 5.57
CB MSE A 25 -2.08 -7.37 6.52
CG MSE A 25 -1.00 -6.71 7.34
SE MSE A 25 -1.24 -4.75 7.53
CE MSE A 25 0.61 -4.20 7.14
N VAL A 26 -5.55 -7.05 5.92
CA VAL A 26 -6.57 -7.41 4.94
C VAL A 26 -6.27 -6.74 3.61
N ASN A 27 -6.39 -7.47 2.51
CA ASN A 27 -6.12 -6.89 1.21
C ASN A 27 -7.22 -5.97 0.70
N THR A 28 -6.85 -4.83 0.14
CA THR A 28 -7.82 -3.93 -0.49
C THR A 28 -7.24 -3.30 -1.75
N LEU A 29 -8.07 -2.56 -2.49
CA LEU A 29 -7.58 -1.83 -3.64
C LEU A 29 -6.53 -0.79 -3.25
N LEU A 30 -6.54 -0.37 -1.98
CA LEU A 30 -5.55 0.59 -1.47
C LEU A 30 -4.32 -0.11 -0.88
N GLY A 31 -4.22 -1.41 -1.11
CA GLY A 31 -3.12 -2.19 -0.54
C GLY A 31 -3.55 -2.70 0.83
N PRO A 32 -2.62 -3.33 1.55
CA PRO A 32 -3.02 -3.98 2.79
C PRO A 32 -3.43 -3.00 3.87
N ILE A 33 -4.42 -3.38 4.65
CA ILE A 33 -4.90 -2.52 5.73
C ILE A 33 -4.85 -3.32 7.03
N TYR A 34 -4.22 -2.75 8.05
CA TYR A 34 -4.14 -3.40 9.35
C TYR A 34 -5.47 -3.38 10.11
N THR A 35 -5.89 -4.56 10.55
CA THR A 35 -7.10 -4.70 11.34
C THR A 35 -6.86 -5.54 12.57
N CYS A 36 -7.71 -5.33 13.59
CA CYS A 36 -7.77 -6.20 14.74
C CYS A 36 -9.22 -6.61 14.91
N HIS A 37 -9.46 -7.88 15.21
CA HIS A 37 -10.81 -8.42 15.08
C HIS A 37 -11.17 -9.47 16.13
N ARG A 38 -12.42 -9.43 16.58
CA ARG A 38 -12.96 -10.42 17.49
C ARG A 38 -14.33 -10.82 16.95
N GLU A 39 -14.60 -12.11 16.91
CA GLU A 39 -15.89 -12.60 16.46
C GLU A 39 -17.01 -12.14 17.39
N GLY A 40 -18.20 -12.06 16.84
CA GLY A 40 -19.37 -11.67 17.63
C GLY A 40 -20.28 -10.73 16.88
N ASN A 41 -21.57 -10.82 17.18
CA ASN A 41 -22.61 -10.05 16.50
C ASN A 41 -23.51 -9.40 17.56
N PRO A 42 -23.72 -8.06 17.47
CA PRO A 42 -23.18 -7.15 16.46
C PRO A 42 -21.70 -6.86 16.68
N CYS A 43 -21.09 -6.25 15.67
CA CYS A 43 -19.67 -5.93 15.76
C CYS A 43 -19.48 -4.43 15.96
N PHE A 44 -18.70 -4.07 16.97
CA PHE A 44 -18.26 -2.69 17.13
C PHE A 44 -17.07 -2.38 16.25
N VAL A 45 -17.31 -1.51 15.27
CA VAL A 45 -16.30 -1.10 14.30
C VAL A 45 -15.72 0.24 14.73
N PHE A 46 -14.40 0.30 14.86
CA PHE A 46 -13.73 1.53 15.30
C PHE A 46 -12.91 2.20 14.21
N LEU A 47 -13.06 3.51 14.11
CA LEU A 47 -12.25 4.33 13.24
C LEU A 47 -11.68 5.50 14.02
N SER A 48 -10.38 5.74 13.83
CA SER A 48 -9.69 6.78 14.56
C SER A 48 -9.81 8.13 13.86
N GLY A 49 -9.34 9.16 14.53
CA GLY A 49 -9.22 10.46 13.90
C GLY A 49 -7.90 10.51 13.17
N ALA A 50 -7.41 11.72 12.93
CA ALA A 50 -6.15 11.91 12.24
C ALA A 50 -5.11 11.78 13.31
N GLY A 51 -4.07 11.04 13.02
CA GLY A 51 -3.08 10.75 14.03
C GLY A 51 -2.35 9.49 13.64
N PHE A 52 -1.37 9.11 14.45
CA PHE A 52 -0.49 7.98 14.12
C PHE A 52 -0.78 6.78 15.01
N PHE A 53 -1.65 6.94 16.00
CA PHE A 53 -1.95 5.82 16.88
C PHE A 53 -2.65 4.68 16.13
N SER A 54 -2.35 3.44 16.50
CA SER A 54 -3.09 2.31 15.95
C SER A 54 -4.46 2.27 16.63
N THR A 55 -5.47 1.80 15.92
CA THR A 55 -6.85 2.05 16.34
C THR A 55 -7.26 1.24 17.57
N ALA A 56 -6.87 -0.02 17.63
CA ALA A 56 -7.18 -0.83 18.81
C ALA A 56 -6.56 -0.23 20.08
N ASP A 57 -5.32 0.27 19.97
CA ASP A 57 -4.64 0.91 21.08
C ASP A 57 -5.39 2.19 21.45
N ASN A 58 -5.72 2.96 20.43
CA ASN A 58 -6.41 4.25 20.56
C ASN A 58 -7.71 4.09 21.35
N PHE A 59 -8.44 3.01 21.09
CA PHE A 59 -9.76 2.79 21.68
C PHE A 59 -9.76 1.75 22.80
N ALA A 60 -8.59 1.47 23.36
CA ALA A 60 -8.46 0.40 24.35
C ALA A 60 -9.44 0.51 25.52
N ASN A 61 -9.62 1.72 26.02
CA ASN A 61 -10.51 1.97 27.15
C ASN A 61 -11.99 1.71 26.85
N ILE A 62 -12.37 1.72 25.58
CA ILE A 62 -13.74 1.31 25.22
C ILE A 62 -13.79 -0.20 24.95
N ILE A 63 -12.86 -0.67 24.14
CA ILE A 63 -12.79 -2.10 23.78
C ILE A 63 -12.76 -2.98 25.02
N ASP A 64 -11.85 -2.69 25.94
CA ASP A 64 -11.73 -3.48 27.16
C ASP A 64 -13.03 -3.58 27.95
N LYS A 65 -13.91 -2.60 27.79
CA LYS A 65 -15.14 -2.57 28.58
C LYS A 65 -16.36 -3.22 27.92
N LEU A 66 -16.25 -3.59 26.64
CA LEU A 66 -17.37 -4.23 25.95
C LEU A 66 -17.44 -5.71 26.35
N PRO A 67 -18.67 -6.27 26.41
CA PRO A 67 -18.86 -7.67 26.74
C PRO A 67 -18.18 -8.56 25.72
N ASP A 68 -17.58 -9.67 26.15
CA ASP A 68 -16.83 -10.52 25.23
C ASP A 68 -17.68 -11.04 24.08
N SER A 69 -19.00 -11.02 24.27
CA SER A 69 -19.92 -11.53 23.27
C SER A 69 -20.03 -10.60 22.06
N ILE A 70 -19.65 -9.34 22.26
CA ILE A 70 -19.75 -8.33 21.21
C ILE A 70 -18.53 -8.40 20.33
N GLY A 71 -18.75 -8.31 19.02
CA GLY A 71 -17.65 -8.35 18.07
C GLY A 71 -16.85 -7.06 18.08
N ILE A 72 -15.61 -7.13 17.64
CA ILE A 72 -14.75 -5.96 17.55
C ILE A 72 -14.06 -5.96 16.19
N LEU A 73 -14.03 -4.81 15.53
CA LEU A 73 -13.20 -4.64 14.34
C LEU A 73 -12.56 -3.28 14.41
N THR A 74 -11.24 -3.24 14.53
CA THR A 74 -10.54 -1.97 14.44
C THR A 74 -9.81 -1.90 13.11
N ILE A 75 -9.74 -0.69 12.56
CA ILE A 75 -9.14 -0.46 11.26
C ILE A 75 -8.17 0.73 11.31
N ASP A 76 -6.93 0.51 10.87
CA ASP A 76 -5.94 1.59 10.79
C ASP A 76 -5.93 2.20 9.37
N ALA A 77 -6.11 3.52 9.28
CA ALA A 77 -6.04 4.18 7.98
C ALA A 77 -4.61 4.12 7.44
N PRO A 78 -4.46 4.26 6.11
CA PRO A 78 -3.11 4.37 5.56
C PRO A 78 -2.31 5.42 6.32
N ASN A 79 -1.00 5.22 6.41
CA ASN A 79 -0.12 6.18 7.08
C ASN A 79 -0.43 6.40 8.56
N SER A 80 -1.06 5.41 9.19
CA SER A 80 -1.28 5.48 10.62
C SER A 80 -1.12 4.11 11.28
N GLY A 81 -0.75 4.12 12.54
CA GLY A 81 -0.68 2.88 13.29
C GLY A 81 0.17 1.87 12.54
N TYR A 82 -0.35 0.66 12.35
CA TYR A 82 0.46 -0.37 11.70
C TYR A 82 0.04 -0.60 10.25
N SER A 83 -0.88 0.21 9.72
CA SER A 83 -1.14 0.12 8.28
C SER A 83 0.07 0.63 7.52
N PRO A 84 0.21 0.24 6.24
CA PRO A 84 1.40 0.66 5.48
C PRO A 84 1.42 2.16 5.22
N VAL A 85 2.61 2.70 5.01
CA VAL A 85 2.70 4.07 4.50
C VAL A 85 2.67 4.04 2.98
N SER A 86 1.98 5.02 2.39
CA SER A 86 1.85 5.14 0.95
C SER A 86 1.30 6.53 0.63
N ASN A 87 1.61 7.03 -0.57
CA ASN A 87 1.07 8.31 -0.99
C ASN A 87 -0.45 8.22 -1.09
N GLN A 88 -1.15 9.19 -0.49
CA GLN A 88 -2.61 9.25 -0.53
C GLN A 88 -3.15 10.31 -1.52
N ALA A 89 -2.25 10.97 -2.24
CA ALA A 89 -2.61 12.00 -3.22
C ALA A 89 -3.75 11.63 -4.16
N ASN A 90 -3.80 10.38 -4.63
CA ASN A 90 -4.83 9.98 -5.59
C ASN A 90 -5.96 9.18 -4.95
N VAL A 91 -6.03 9.21 -3.62
CA VAL A 91 -7.06 8.47 -2.89
C VAL A 91 -8.19 9.42 -2.54
N GLY A 92 -9.43 8.99 -2.78
CA GLY A 92 -10.59 9.79 -2.40
C GLY A 92 -11.34 9.11 -1.27
N LEU A 93 -12.21 9.85 -0.59
CA LEU A 93 -12.99 9.27 0.51
C LEU A 93 -13.73 8.03 0.01
N ARG A 94 -14.20 8.09 -1.23
CA ARG A 94 -14.90 6.97 -1.82
C ARG A 94 -14.00 5.73 -1.86
N ASP A 95 -12.72 5.96 -2.14
CA ASP A 95 -11.76 4.85 -2.22
C ASP A 95 -11.58 4.23 -0.84
N TRP A 96 -11.40 5.09 0.17
CA TRP A 96 -11.20 4.61 1.53
C TRP A 96 -12.47 3.91 2.03
N VAL A 97 -13.64 4.49 1.74
CA VAL A 97 -14.90 3.83 2.08
C VAL A 97 -15.06 2.45 1.40
N ASN A 98 -14.70 2.35 0.12
CA ASN A 98 -14.74 1.06 -0.57
C ASN A 98 -13.79 0.05 0.06
N ALA A 99 -12.62 0.51 0.50
CA ALA A 99 -11.67 -0.40 1.16
C ALA A 99 -12.27 -0.90 2.48
N ILE A 100 -12.88 -0.01 3.25
CA ILE A 100 -13.51 -0.41 4.51
C ILE A 100 -14.63 -1.42 4.29
N LEU A 101 -15.47 -1.17 3.29
CA LEU A 101 -16.55 -2.12 2.94
C LEU A 101 -16.04 -3.51 2.53
N MSE A 102 -14.89 -3.55 1.86
CA MSE A 102 -14.26 -4.83 1.53
C MSE A 102 -13.86 -5.53 2.81
O MSE A 102 -13.98 -6.75 2.94
CB MSE A 102 -13.00 -4.59 0.72
CG MSE A 102 -13.21 -4.53 -0.76
SE MSE A 102 -11.48 -4.92 -1.56
CE MSE A 102 -11.22 -6.71 -0.81
N ILE A 103 -13.33 -4.74 3.75
CA ILE A 103 -12.96 -5.28 5.05
C ILE A 103 -14.20 -5.79 5.76
N PHE A 104 -15.31 -5.06 5.68
CA PHE A 104 -16.55 -5.54 6.28
C PHE A 104 -16.91 -6.93 5.71
N GLU A 105 -16.82 -7.05 4.39
CA GLU A 105 -17.22 -8.30 3.72
C GLU A 105 -16.27 -9.46 4.06
N HIS A 106 -15.07 -9.13 4.51
CA HIS A 106 -14.08 -10.12 4.87
C HIS A 106 -14.45 -10.89 6.14
N PHE A 107 -15.27 -10.28 7.00
CA PHE A 107 -15.64 -10.92 8.27
C PHE A 107 -17.11 -11.30 8.36
N LYS A 108 -17.46 -12.08 9.38
CA LYS A 108 -18.77 -12.76 9.44
C LYS A 108 -19.93 -11.92 10.00
N PHE A 109 -19.64 -10.91 10.82
CA PHE A 109 -20.71 -10.16 11.48
C PHE A 109 -21.79 -9.70 10.49
N GLN A 110 -23.05 -9.77 10.91
CA GLN A 110 -24.13 -9.34 10.02
C GLN A 110 -24.67 -7.95 10.37
N SER A 111 -24.48 -7.53 11.62
CA SER A 111 -24.84 -6.16 12.03
C SER A 111 -23.69 -5.50 12.79
N TYR A 112 -23.70 -4.17 12.84
CA TYR A 112 -22.60 -3.46 13.48
C TYR A 112 -23.01 -2.12 14.06
N LEU A 113 -22.17 -1.60 14.95
CA LEU A 113 -22.21 -0.21 15.35
C LEU A 113 -20.86 0.39 15.02
N LEU A 114 -20.87 1.63 14.54
CA LEU A 114 -19.64 2.35 14.26
C LEU A 114 -19.31 3.24 15.44
N CYS A 115 -18.05 3.21 15.88
CA CYS A 115 -17.57 4.09 16.94
C CYS A 115 -16.36 4.81 16.39
N VAL A 116 -16.43 6.13 16.29
CA VAL A 116 -15.35 6.87 15.66
C VAL A 116 -14.95 8.07 16.47
N HIS A 117 -13.71 8.50 16.24
CA HIS A 117 -13.23 9.77 16.77
C HIS A 117 -12.95 10.71 15.62
N SER A 118 -13.36 11.97 15.76
CA SER A 118 -12.86 13.02 14.88
C SER A 118 -13.09 12.70 13.40
N ILE A 119 -12.01 12.70 12.60
CA ILE A 119 -12.14 12.63 11.15
C ILE A 119 -12.77 11.32 10.67
N GLY A 120 -12.74 10.29 11.52
CA GLY A 120 -13.40 9.03 11.23
C GLY A 120 -14.89 9.20 10.94
N GLY A 121 -15.45 10.35 11.35
CA GLY A 121 -16.86 10.63 11.08
C GLY A 121 -17.22 10.65 9.61
N PHE A 122 -16.32 11.16 8.76
CA PHE A 122 -16.64 11.29 7.34
C PHE A 122 -16.83 9.93 6.66
N ALA A 123 -15.88 9.02 6.86
CA ALA A 123 -16.05 7.65 6.35
C ALA A 123 -17.30 7.01 6.94
N ALA A 124 -17.50 7.21 8.23
CA ALA A 124 -18.61 6.56 8.93
C ALA A 124 -19.96 6.88 8.29
N LEU A 125 -20.16 8.14 7.91
CA LEU A 125 -21.42 8.52 7.32
C LEU A 125 -21.66 7.77 6.00
N GLN A 126 -20.61 7.63 5.19
CA GLN A 126 -20.76 6.94 3.90
C GLN A 126 -20.97 5.44 4.10
N ILE A 127 -20.22 4.86 5.03
CA ILE A 127 -20.35 3.45 5.37
C ILE A 127 -21.79 3.07 5.74
N MSE A 128 -22.38 3.83 6.64
CA MSE A 128 -23.74 3.53 7.10
C MSE A 128 -24.75 3.70 5.97
O MSE A 128 -25.76 3.00 5.91
CB MSE A 128 -24.11 4.38 8.32
CG MSE A 128 -23.20 4.16 9.51
SE MSE A 128 -23.77 5.19 11.11
CE MSE A 128 -23.11 6.96 10.59
N ASN A 129 -24.46 4.62 5.07
CA ASN A 129 -25.34 4.87 3.92
C ASN A 129 -25.18 3.83 2.81
N GLN A 130 -24.04 3.14 2.76
CA GLN A 130 -23.76 2.25 1.63
C GLN A 130 -23.68 0.75 1.95
N SER A 131 -23.42 0.41 3.21
CA SER A 131 -23.18 -0.98 3.60
C SER A 131 -24.44 -1.82 3.56
N SER A 132 -24.35 -3.01 2.98
CA SER A 132 -25.50 -3.93 2.97
C SER A 132 -25.67 -4.59 4.33
N LYS A 133 -24.62 -4.57 5.16
CA LYS A 133 -24.76 -5.01 6.55
C LYS A 133 -25.53 -3.96 7.34
N ALA A 134 -26.24 -4.40 8.37
CA ALA A 134 -27.13 -3.51 9.10
C ALA A 134 -26.43 -2.74 10.20
N CYS A 135 -26.51 -1.42 10.11
CA CYS A 135 -25.97 -0.56 11.16
C CYS A 135 -26.99 -0.38 12.28
N LEU A 136 -26.59 -0.70 13.50
CA LEU A 136 -27.49 -0.55 14.65
C LEU A 136 -27.30 0.77 15.43
N GLY A 137 -26.23 1.50 15.14
CA GLY A 137 -25.96 2.69 15.91
C GLY A 137 -24.65 3.37 15.53
N PHE A 138 -24.59 4.66 15.78
CA PHE A 138 -23.37 5.44 15.60
C PHE A 138 -22.96 6.00 16.94
N ILE A 139 -21.69 5.85 17.29
CA ILE A 139 -21.14 6.41 18.52
C ILE A 139 -20.01 7.36 18.14
N GLY A 140 -20.22 8.65 18.31
CA GLY A 140 -19.22 9.58 17.84
C GLY A 140 -18.56 10.34 18.97
N LEU A 141 -17.24 10.29 19.02
CA LEU A 141 -16.48 11.11 19.94
C LEU A 141 -15.95 12.32 19.18
N GLU A 142 -16.57 13.49 19.39
CA GLU A 142 -16.27 14.68 18.60
C GLU A 142 -15.97 14.42 17.12
N PRO A 143 -16.92 13.74 16.46
CA PRO A 143 -16.74 13.49 15.02
C PRO A 143 -16.66 14.81 14.27
N THR A 144 -15.79 14.86 13.25
CA THR A 144 -15.53 16.10 12.54
C THR A 144 -16.75 16.51 11.71
N THR A 145 -17.29 17.71 11.98
CA THR A 145 -18.43 18.23 11.20
C THR A 145 -17.97 18.98 9.96
N VAL A 146 -18.86 19.04 8.97
CA VAL A 146 -18.59 19.81 7.77
C VAL A 146 -18.33 21.26 8.18
N MSE A 147 -19.08 21.73 9.17
CA MSE A 147 -18.87 23.09 9.67
C MSE A 147 -17.44 23.31 10.16
O MSE A 147 -16.75 24.22 9.69
CB MSE A 147 -19.84 23.42 10.78
CG MSE A 147 -19.80 24.89 11.20
SE MSE A 147 -20.41 25.13 13.03
CE MSE A 147 -18.73 24.70 13.95
N ILE A 148 -16.99 22.49 11.11
CA ILE A 148 -15.65 22.68 11.67
C ILE A 148 -14.60 22.44 10.59
N TYR A 149 -14.88 21.49 9.69
CA TYR A 149 -13.93 21.17 8.63
C TYR A 149 -13.75 22.34 7.67
N ARG A 150 -14.85 22.96 7.26
CA ARG A 150 -14.80 24.14 6.39
C ARG A 150 -14.04 25.30 7.01
N ALA A 151 -14.16 25.46 8.32
CA ALA A 151 -13.47 26.52 9.03
C ALA A 151 -12.04 26.14 9.31
N GLY A 152 -11.84 24.89 9.71
CA GLY A 152 -10.54 24.40 10.13
C GLY A 152 -10.49 24.29 11.64
N PHE A 153 -10.28 23.06 12.13
CA PHE A 153 -10.06 22.86 13.57
C PHE A 153 -9.03 23.90 13.99
N SER A 154 -9.34 24.67 15.03
CA SER A 154 -8.41 25.64 15.59
C SER A 154 -8.27 26.92 14.76
N SER A 155 -9.35 27.38 14.13
CA SER A 155 -9.26 28.51 13.19
C SER A 155 -9.88 29.82 13.68
N ASP A 156 -10.20 29.89 14.97
CA ASP A 156 -10.82 31.07 15.58
C ASP A 156 -12.34 30.95 15.66
N LEU A 157 -12.92 30.04 14.87
CA LEU A 157 -14.35 29.76 14.97
C LEU A 157 -14.72 29.60 16.44
N TYR A 158 -13.97 28.73 17.11
CA TYR A 158 -14.05 28.56 18.55
C TYR A 158 -12.82 29.20 19.16
N PRO A 159 -13.01 30.28 19.93
CA PRO A 159 -11.80 30.88 20.51
C PRO A 159 -11.05 29.89 21.40
N GLN A 160 -11.76 28.96 22.04
CA GLN A 160 -11.07 28.02 22.91
C GLN A 160 -10.13 27.05 22.16
N LEU A 161 -10.52 26.65 20.96
CA LEU A 161 -9.64 25.80 20.17
C LEU A 161 -8.45 26.60 19.63
N ALA A 162 -8.71 27.85 19.27
CA ALA A 162 -7.67 28.74 18.75
C ALA A 162 -6.60 28.95 19.82
N LEU A 163 -7.04 29.12 21.07
CA LEU A 163 -6.10 29.32 22.17
C LEU A 163 -5.31 28.05 22.48
N ARG A 164 -5.98 26.91 22.42
CA ARG A 164 -5.31 25.65 22.71
C ARG A 164 -4.19 25.41 21.71
N ARG A 165 -4.49 25.57 20.42
CA ARG A 165 -3.52 25.35 19.37
C ARG A 165 -2.37 26.33 19.47
N GLN A 166 -2.68 27.54 19.91
CA GLN A 166 -1.67 28.58 19.95
C GLN A 166 -0.70 28.32 21.08
N LYS A 167 -1.17 27.65 22.13
CA LYS A 167 -0.31 27.28 23.25
C LYS A 167 0.73 26.24 22.83
N LEU A 168 0.35 25.40 21.88
CA LEU A 168 1.20 24.32 21.42
C LEU A 168 2.03 24.75 20.20
N LYS A 169 3.08 25.53 20.46
CA LYS A 169 3.91 26.11 19.41
C LYS A 169 4.66 25.06 18.60
N THR A 170 5.45 24.24 19.30
CA THR A 170 6.40 23.34 18.65
C THR A 170 5.85 21.92 18.45
N ALA A 171 6.54 21.15 17.62
CA ALA A 171 6.18 19.75 17.42
C ALA A 171 6.27 19.02 18.75
N ALA A 172 7.33 19.30 19.51
CA ALA A 172 7.48 18.74 20.86
C ALA A 172 6.31 19.11 21.77
N ASP A 173 5.90 20.38 21.76
CA ASP A 173 4.73 20.80 22.54
C ASP A 173 3.51 19.93 22.19
N ARG A 174 3.26 19.78 20.89
CA ARG A 174 2.08 19.03 20.44
C ARG A 174 2.20 17.56 20.81
N LEU A 175 3.39 17.00 20.65
CA LEU A 175 3.66 15.63 21.05
C LEU A 175 3.51 15.46 22.56
N ASN A 176 4.17 16.34 23.33
CA ASN A 176 4.09 16.29 24.78
C ASN A 176 2.67 16.46 25.35
N TYR A 177 1.84 17.23 24.65
CA TYR A 177 0.45 17.39 25.04
C TYR A 177 -0.28 16.05 24.95
N LEU A 178 -0.09 15.32 23.85
CA LEU A 178 -0.69 14.00 23.70
C LEU A 178 -0.14 12.99 24.71
N LYS A 179 1.18 13.04 24.93
CA LYS A 179 1.83 12.17 25.90
C LYS A 179 1.28 12.38 27.30
N ASP A 180 1.14 13.64 27.71
CA ASP A 180 0.59 13.95 29.04
C ASP A 180 -0.86 13.48 29.16
N LEU A 181 -1.62 13.73 28.11
CA LEU A 181 -3.04 13.40 28.11
C LEU A 181 -3.23 11.88 28.19
N SER A 182 -2.56 11.15 27.30
CA SER A 182 -2.68 9.68 27.27
C SER A 182 -2.14 9.04 28.55
N ARG A 183 -1.08 9.64 29.09
CA ARG A 183 -0.48 9.18 30.34
C ARG A 183 -1.50 9.20 31.49
N SER A 184 -2.37 10.21 31.49
CA SER A 184 -3.36 10.35 32.56
C SER A 184 -4.51 9.37 32.42
N HIS A 185 -4.74 8.88 31.20
CA HIS A 185 -5.96 8.10 30.96
C HIS A 185 -5.75 6.62 30.64
N PHE A 186 -4.50 6.20 30.51
CA PHE A 186 -4.22 4.79 30.22
C PHE A 186 -3.34 4.21 31.32
N SER A 187 -3.40 2.89 31.48
CA SER A 187 -2.45 2.19 32.35
C SER A 187 -1.06 2.37 31.74
N SER A 188 -0.02 2.23 32.55
CA SER A 188 1.33 2.38 32.04
C SER A 188 1.54 1.44 30.85
N GLN A 189 0.95 0.26 30.91
CA GLN A 189 1.13 -0.73 29.85
C GLN A 189 0.45 -0.31 28.55
N GLN A 190 -0.79 0.16 28.64
CA GLN A 190 -1.53 0.56 27.45
C GLN A 190 -1.03 1.89 26.93
N PHE A 191 -0.49 2.70 27.82
CA PHE A 191 0.24 3.90 27.43
C PHE A 191 1.45 3.56 26.56
N LYS A 192 2.35 2.73 27.06
CA LYS A 192 3.54 2.37 26.28
C LYS A 192 3.16 1.71 24.96
N GLN A 193 2.11 0.88 24.98
CA GLN A 193 1.69 0.20 23.76
C GLN A 193 1.15 1.25 22.77
N LEU A 194 0.28 2.13 23.24
CA LEU A 194 -0.21 3.24 22.41
C LEU A 194 0.97 3.93 21.72
N TRP A 195 2.01 4.25 22.48
CA TRP A 195 3.12 5.01 21.88
C TRP A 195 4.05 4.15 21.02
N ARG A 196 4.08 2.85 21.26
CA ARG A 196 4.83 1.96 20.36
C ARG A 196 4.26 2.03 18.95
N GLY A 197 2.94 2.09 18.83
CA GLY A 197 2.31 2.22 17.53
C GLY A 197 2.58 3.57 16.86
N TYR A 198 2.43 4.64 17.63
CA TYR A 198 2.79 5.97 17.15
C TYR A 198 4.21 5.99 16.60
N ASP A 199 5.15 5.49 17.39
CA ASP A 199 6.56 5.57 17.06
C ASP A 199 6.90 4.67 15.86
N TYR A 200 6.21 3.55 15.74
CA TYR A 200 6.42 2.65 14.60
C TYR A 200 5.94 3.36 13.34
N CYS A 201 4.74 3.92 13.42
CA CYS A 201 4.19 4.69 12.30
C CYS A 201 5.13 5.83 11.87
N GLN A 202 5.56 6.64 12.83
CA GLN A 202 6.43 7.78 12.50
C GLN A 202 7.74 7.32 11.88
N ARG A 203 8.26 6.22 12.38
CA ARG A 203 9.47 5.64 11.80
C ARG A 203 9.26 5.29 10.32
N GLN A 204 8.19 4.58 10.01
CA GLN A 204 7.90 4.25 8.61
C GLN A 204 7.67 5.54 7.79
N LEU A 205 6.99 6.51 8.38
CA LEU A 205 6.73 7.78 7.68
C LEU A 205 7.99 8.55 7.35
N ASN A 206 9.04 8.36 8.14
CA ASN A 206 10.31 9.04 7.88
C ASN A 206 10.80 8.76 6.45
N ASP A 207 10.47 7.59 5.92
CA ASP A 207 10.96 7.18 4.61
C ASP A 207 10.30 7.97 3.48
N VAL A 208 9.04 8.37 3.67
CA VAL A 208 8.31 9.00 2.56
C VAL A 208 7.83 10.45 2.75
N GLN A 209 7.66 10.88 4.00
CA GLN A 209 6.90 12.12 4.22
C GLN A 209 7.57 13.39 3.67
N SER A 210 8.88 13.34 3.44
CA SER A 210 9.59 14.50 2.91
C SER A 210 9.70 14.48 1.38
N LEU A 211 9.06 13.51 0.74
CA LEU A 211 9.03 13.46 -0.71
C LEU A 211 8.00 14.44 -1.30
N PRO A 212 8.32 15.03 -2.44
CA PRO A 212 7.57 16.12 -3.05
C PRO A 212 6.06 15.83 -3.19
N ASP A 213 5.71 14.74 -3.84
CA ASP A 213 4.32 14.46 -4.14
C ASP A 213 3.53 13.89 -2.96
N PHE A 214 4.20 13.64 -1.84
CA PHE A 214 3.56 12.89 -0.76
C PHE A 214 2.43 13.64 -0.07
N LYS A 215 1.28 12.97 0.03
CA LYS A 215 0.14 13.47 0.79
C LYS A 215 -0.22 12.41 1.80
N ILE A 216 -0.26 12.78 3.07
CA ILE A 216 -0.43 11.81 4.13
C ILE A 216 -1.88 11.33 4.22
N ARG A 217 -2.81 12.13 3.72
CA ARG A 217 -4.23 11.75 3.83
C ARG A 217 -5.04 12.14 2.61
N LEU A 218 -6.08 11.36 2.33
CA LEU A 218 -6.97 11.66 1.23
C LEU A 218 -7.60 13.04 1.42
N ALA A 219 -7.88 13.74 0.33
CA ALA A 219 -8.49 15.06 0.44
C ALA A 219 -10.01 14.96 0.37
N LEU A 220 -10.70 15.74 1.18
CA LEU A 220 -12.16 15.78 1.15
C LEU A 220 -12.66 16.79 0.13
N GLY A 221 -13.76 16.47 -0.54
CA GLY A 221 -14.40 17.38 -1.48
C GLY A 221 -15.86 17.62 -1.13
N GLU A 222 -16.49 18.57 -1.83
CA GLU A 222 -17.88 18.92 -1.56
C GLU A 222 -18.80 17.72 -1.70
N GLU A 223 -18.46 16.83 -2.62
CA GLU A 223 -19.24 15.62 -2.83
C GLU A 223 -19.24 14.72 -1.60
N ASP A 224 -18.30 14.97 -0.69
CA ASP A 224 -18.17 14.16 0.53
C ASP A 224 -18.98 14.76 1.67
N PHE A 225 -19.68 15.86 1.40
CA PHE A 225 -20.36 16.58 2.48
C PHE A 225 -21.88 16.57 2.33
N LYS A 226 -22.40 15.60 1.59
CA LYS A 226 -23.82 15.61 1.23
C LYS A 226 -24.63 14.50 1.89
N THR A 227 -24.03 13.87 2.90
CA THR A 227 -24.61 12.70 3.54
C THR A 227 -24.83 12.98 5.02
N GLY A 228 -26.04 12.74 5.50
CA GLY A 228 -26.29 12.77 6.93
C GLY A 228 -26.62 11.37 7.40
N ILE A 229 -26.80 11.18 8.69
CA ILE A 229 -27.17 9.87 9.23
C ILE A 229 -28.67 9.61 9.07
N SER A 230 -29.01 8.41 8.61
CA SER A 230 -30.41 8.03 8.47
C SER A 230 -31.17 8.21 9.77
N GLU A 231 -32.44 8.62 9.65
CA GLU A 231 -33.32 8.73 10.80
C GLU A 231 -33.51 7.38 11.50
N LYS A 232 -33.27 6.29 10.74
CA LYS A 232 -33.47 4.93 11.24
C LYS A 232 -32.34 4.43 12.15
N ILE A 233 -31.23 5.16 12.18
CA ILE A 233 -30.09 4.73 12.97
C ILE A 233 -29.86 5.65 14.17
N PRO A 234 -29.87 5.10 15.39
CA PRO A 234 -29.60 5.93 16.57
C PRO A 234 -28.17 6.42 16.58
N SER A 235 -27.99 7.64 17.06
CA SER A 235 -26.69 8.28 17.12
C SER A 235 -26.43 8.77 18.53
N ILE A 236 -25.31 8.37 19.12
CA ILE A 236 -24.91 8.93 20.41
C ILE A 236 -23.63 9.72 20.19
N VAL A 237 -23.71 11.03 20.34
CA VAL A 237 -22.56 11.90 20.12
C VAL A 237 -22.09 12.48 21.45
N PHE A 238 -20.78 12.42 21.69
CA PHE A 238 -20.15 13.02 22.86
C PHE A 238 -19.26 14.16 22.42
N SER A 239 -19.34 15.28 23.13
CA SER A 239 -18.57 16.44 22.79
C SER A 239 -18.38 17.33 24.00
N GLU A 240 -17.30 18.09 24.00
CA GLU A 240 -17.12 19.15 24.99
C GLU A 240 -18.30 20.12 24.90
N SER A 241 -18.72 20.70 26.03
CA SER A 241 -19.91 21.54 26.08
C SER A 241 -19.92 22.71 25.09
N PHE A 242 -18.78 23.32 24.82
CA PHE A 242 -18.78 24.51 23.98
C PHE A 242 -19.15 24.24 22.51
N ARG A 243 -19.19 22.98 22.12
CA ARG A 243 -19.59 22.62 20.76
C ARG A 243 -21.04 22.18 20.62
N GLU A 244 -21.86 22.41 21.65
CA GLU A 244 -23.23 21.90 21.65
C GLU A 244 -24.07 22.27 20.41
N LYS A 245 -24.10 23.56 20.08
CA LYS A 245 -24.92 24.03 18.96
C LYS A 245 -24.49 23.41 17.62
N GLU A 246 -23.19 23.42 17.37
CA GLU A 246 -22.62 22.80 16.18
C GLU A 246 -23.15 21.38 15.99
N TYR A 247 -23.05 20.57 17.03
CA TYR A 247 -23.52 19.18 16.96
C TYR A 247 -25.04 19.04 16.86
N LEU A 248 -25.78 19.87 17.60
CA LEU A 248 -27.24 19.90 17.46
C LEU A 248 -27.68 20.16 16.02
N GLU A 249 -26.95 21.00 15.30
CA GLU A 249 -27.28 21.34 13.92
C GLU A 249 -26.57 20.44 12.91
N SER A 250 -25.87 19.43 13.38
CA SER A 250 -24.95 18.70 12.51
C SER A 250 -25.57 17.50 11.82
N GLU A 251 -24.81 16.95 10.87
CA GLU A 251 -25.16 15.76 10.14
C GLU A 251 -25.10 14.49 10.99
N TYR A 252 -24.59 14.60 12.23
CA TYR A 252 -24.44 13.40 13.08
C TYR A 252 -25.66 13.15 13.97
N LEU A 253 -26.55 14.13 14.03
CA LEU A 253 -27.76 14.00 14.84
C LEU A 253 -29.00 13.84 13.98
N ASN A 254 -30.00 13.17 14.55
CA ASN A 254 -31.27 12.97 13.88
C ASN A 254 -32.34 12.92 14.96
N LYS A 255 -33.55 12.52 14.59
CA LYS A 255 -34.67 12.56 15.51
C LYS A 255 -35.01 11.24 16.16
N HIS A 256 -34.14 10.25 16.02
CA HIS A 256 -34.38 8.93 16.60
C HIS A 256 -34.61 9.07 18.11
N THR A 257 -35.58 8.32 18.64
CA THR A 257 -35.91 8.35 20.06
C THR A 257 -34.74 7.93 20.95
N GLN A 258 -33.73 7.30 20.36
CA GLN A 258 -32.58 6.84 21.12
C GLN A 258 -31.34 7.70 20.88
N THR A 259 -31.42 8.62 19.93
CA THR A 259 -30.30 9.52 19.64
C THR A 259 -30.10 10.50 20.79
N LYS A 260 -28.84 10.70 21.19
CA LYS A 260 -28.50 11.66 22.26
C LYS A 260 -27.25 12.46 21.95
N LEU A 261 -27.22 13.70 22.43
CA LEU A 261 -25.98 14.47 22.48
C LEU A 261 -25.57 14.60 23.94
N ILE A 262 -24.40 14.04 24.27
CA ILE A 262 -23.87 14.05 25.63
C ILE A 262 -22.72 15.05 25.73
N LEU A 263 -22.88 16.07 26.57
CA LEU A 263 -21.82 17.06 26.76
C LEU A 263 -20.95 16.65 27.95
N CYS A 264 -19.64 16.53 27.72
CA CYS A 264 -18.71 16.10 28.76
C CYS A 264 -17.27 16.34 28.31
N GLY A 265 -16.32 16.20 29.22
CA GLY A 265 -14.90 16.25 28.88
C GLY A 265 -14.27 17.62 28.87
N GLN A 266 -12.94 17.63 28.94
CA GLN A 266 -12.17 18.87 28.92
C GLN A 266 -11.22 18.94 27.73
N HIS A 267 -11.28 17.91 26.88
CA HIS A 267 -10.41 17.86 25.72
C HIS A 267 -11.04 17.06 24.58
N HIS A 268 -10.32 16.97 23.48
CA HIS A 268 -10.83 16.37 22.24
C HIS A 268 -10.87 14.84 22.30
N TYR A 269 -10.14 14.25 23.23
CA TYR A 269 -9.94 12.80 23.23
C TYR A 269 -10.85 12.08 24.21
N LEU A 270 -12.16 12.18 23.95
CA LEU A 270 -13.16 11.69 24.89
C LEU A 270 -13.16 10.17 24.95
N HIS A 271 -12.75 9.53 23.85
CA HIS A 271 -12.63 8.06 23.83
C HIS A 271 -11.52 7.55 24.74
N TRP A 272 -10.62 8.44 25.18
CA TRP A 272 -9.65 8.10 26.19
C TRP A 272 -10.16 8.28 27.61
N SER A 273 -10.86 9.38 27.85
CA SER A 273 -11.12 9.86 29.21
C SER A 273 -12.57 9.68 29.71
N GLU A 274 -13.52 9.47 28.80
CA GLU A 274 -14.92 9.47 29.22
C GLU A 274 -15.61 8.12 28.99
N THR A 275 -14.87 7.03 29.13
CA THR A 275 -15.37 5.72 28.69
C THR A 275 -16.41 5.10 29.63
N ASN A 276 -16.42 5.52 30.88
CA ASN A 276 -17.47 5.08 31.80
C ASN A 276 -18.82 5.60 31.33
N SER A 277 -18.86 6.87 30.97
CA SER A 277 -20.06 7.49 30.45
C SER A 277 -20.44 6.90 29.09
N ILE A 278 -19.44 6.72 28.23
CA ILE A 278 -19.69 6.15 26.91
C ILE A 278 -20.31 4.76 27.03
N LEU A 279 -19.72 3.92 27.86
CA LEU A 279 -20.23 2.56 28.05
C LEU A 279 -21.66 2.56 28.59
N GLU A 280 -21.91 3.45 29.52
CA GLU A 280 -23.25 3.59 30.09
C GLU A 280 -24.28 3.87 28.99
N LYS A 281 -24.01 4.85 28.13
CA LYS A 281 -24.89 5.15 26.99
C LYS A 281 -24.97 3.99 26.00
N VAL A 282 -23.85 3.33 25.75
CA VAL A 282 -23.82 2.22 24.81
C VAL A 282 -24.70 1.07 25.30
N GLU A 283 -24.54 0.70 26.55
CA GLU A 283 -25.32 -0.38 27.14
C GLU A 283 -26.80 -0.07 27.05
N GLN A 284 -27.16 1.18 27.33
CA GLN A 284 -28.54 1.62 27.27
C GLN A 284 -29.07 1.54 25.84
N LEU A 285 -28.25 1.92 24.87
CA LEU A 285 -28.64 1.87 23.48
C LEU A 285 -28.96 0.44 23.06
N LEU A 286 -28.07 -0.48 23.41
CA LEU A 286 -28.23 -1.88 23.02
C LEU A 286 -29.41 -2.55 23.71
N SER A 287 -29.67 -2.18 24.97
CA SER A 287 -30.74 -2.81 25.72
C SER A 287 -32.11 -2.44 25.18
N ASN A 288 -32.19 -1.29 24.49
CA ASN A 288 -33.48 -0.78 24.01
C ASN A 288 -33.64 -0.72 22.49
N HIS A 289 -32.79 -1.42 21.76
CA HIS A 289 -32.77 -1.35 20.30
C HIS A 289 -33.75 -2.35 19.69
N GLU A 290 -34.71 -1.87 18.90
CA GLU A 290 -35.77 -2.73 18.37
C GLU A 290 -35.34 -3.56 17.16
N LYS A 291 -34.06 -3.45 16.79
CA LYS A 291 -33.54 -4.29 15.70
C LYS A 291 -32.67 -5.43 16.25
N LEU A 292 -32.43 -5.42 17.55
CA LEU A 292 -31.65 -6.48 18.21
C LEU A 292 -32.54 -7.68 18.56
N ALA B 19 21.79 -19.38 -3.41
CA ALA B 19 21.94 -18.03 -2.88
C ALA B 19 21.29 -17.88 -1.51
N ALA B 20 21.83 -16.99 -0.70
CA ALA B 20 21.30 -16.69 0.63
C ALA B 20 20.89 -15.22 0.68
N LEU B 21 19.62 -14.94 0.43
CA LEU B 21 19.18 -13.56 0.28
C LEU B 21 18.34 -13.09 1.47
N ASN B 22 18.49 -11.83 1.84
CA ASN B 22 17.70 -11.23 2.93
C ASN B 22 16.44 -10.57 2.38
N LYS B 23 15.30 -10.89 2.99
CA LYS B 23 14.01 -10.37 2.53
C LYS B 23 13.63 -9.14 3.33
N GLU B 24 13.12 -8.12 2.64
CA GLU B 24 12.76 -6.85 3.28
C GLU B 24 11.67 -6.15 2.47
N MSE B 25 10.64 -5.70 3.16
CA MSE B 25 9.64 -4.79 2.58
C MSE B 25 10.24 -3.40 2.69
O MSE B 25 10.45 -2.91 3.79
CB MSE B 25 8.32 -4.80 3.37
CG MSE B 25 7.71 -6.17 3.66
SE MSE B 25 7.43 -7.23 2.03
CE MSE B 25 6.14 -6.07 1.09
N VAL B 26 10.52 -2.76 1.56
CA VAL B 26 11.03 -1.39 1.57
C VAL B 26 9.87 -0.38 1.32
N ASN B 27 9.81 0.65 2.15
CA ASN B 27 8.77 1.70 2.02
C ASN B 27 8.94 2.55 0.76
N THR B 28 7.83 2.76 0.05
CA THR B 28 7.82 3.65 -1.12
C THR B 28 6.50 4.42 -1.21
N LEU B 29 6.45 5.41 -2.10
CA LEU B 29 5.22 6.14 -2.34
C LEU B 29 4.10 5.22 -2.83
N LEU B 30 4.50 4.10 -3.42
CA LEU B 30 3.56 3.08 -3.88
C LEU B 30 3.22 2.03 -2.80
N GLY B 31 3.60 2.32 -1.55
CA GLY B 31 3.41 1.35 -0.48
C GLY B 31 4.57 0.37 -0.43
N PRO B 32 4.54 -0.58 0.52
CA PRO B 32 5.69 -1.49 0.71
C PRO B 32 6.02 -2.29 -0.55
N ILE B 33 7.30 -2.48 -0.81
CA ILE B 33 7.74 -3.26 -1.96
C ILE B 33 8.70 -4.37 -1.47
N TYR B 34 8.40 -5.61 -1.86
CA TYR B 34 9.16 -6.77 -1.44
C TYR B 34 10.48 -6.85 -2.20
N THR B 35 11.57 -7.00 -1.46
CA THR B 35 12.92 -7.10 -2.05
C THR B 35 13.72 -8.26 -1.46
N CYS B 36 14.68 -8.76 -2.24
CA CYS B 36 15.70 -9.67 -1.70
C CYS B 36 17.06 -9.04 -1.99
N HIS B 37 18.00 -9.21 -1.06
CA HIS B 37 19.24 -8.47 -1.17
C HIS B 37 20.42 -9.20 -0.56
N ARG B 38 21.57 -9.02 -1.17
CA ARG B 38 22.84 -9.48 -0.64
C ARG B 38 23.80 -8.31 -0.76
N GLU B 39 24.57 -8.05 0.30
CA GLU B 39 25.61 -7.02 0.24
C GLU B 39 26.66 -7.36 -0.81
N GLY B 40 27.36 -6.33 -1.28
CA GLY B 40 28.43 -6.52 -2.24
C GLY B 40 28.38 -5.54 -3.39
N ASN B 41 29.54 -5.30 -3.98
CA ASN B 41 29.70 -4.34 -5.05
C ASN B 41 30.56 -4.96 -6.16
N PRO B 42 30.10 -4.90 -7.42
CA PRO B 42 28.84 -4.26 -7.81
C PRO B 42 27.65 -5.13 -7.44
N CYS B 43 26.47 -4.52 -7.45
CA CYS B 43 25.24 -5.22 -7.14
C CYS B 43 24.51 -5.54 -8.43
N PHE B 44 24.09 -6.79 -8.58
CA PHE B 44 23.25 -7.17 -9.72
C PHE B 44 21.78 -6.97 -9.35
N VAL B 45 21.12 -6.07 -10.09
CA VAL B 45 19.76 -5.71 -9.82
C VAL B 45 18.88 -6.36 -10.86
N PHE B 46 17.79 -6.98 -10.41
CA PHE B 46 16.92 -7.76 -11.29
C PHE B 46 15.49 -7.21 -11.30
N LEU B 47 14.94 -7.07 -12.50
CA LEU B 47 13.56 -6.66 -12.68
C LEU B 47 12.91 -7.70 -13.57
N SER B 48 11.73 -8.19 -13.18
CA SER B 48 10.98 -9.19 -13.96
C SER B 48 10.14 -8.53 -15.04
N GLY B 49 9.56 -9.36 -15.91
CA GLY B 49 8.59 -8.88 -16.88
C GLY B 49 7.24 -8.85 -16.19
N ALA B 50 6.17 -8.96 -16.97
CA ALA B 50 4.86 -9.10 -16.38
C ALA B 50 4.73 -10.55 -15.95
N GLY B 51 3.94 -10.81 -14.93
CA GLY B 51 3.82 -12.17 -14.42
C GLY B 51 3.77 -12.18 -12.92
N PHE B 52 3.57 -13.36 -12.35
CA PHE B 52 3.29 -13.48 -10.94
C PHE B 52 4.48 -14.03 -10.16
N PHE B 53 5.53 -14.47 -10.86
CA PHE B 53 6.69 -15.03 -10.15
C PHE B 53 7.40 -13.97 -9.32
N SER B 54 7.91 -14.36 -8.15
CA SER B 54 8.81 -13.49 -7.40
C SER B 54 10.12 -13.36 -8.16
N THR B 55 10.72 -12.17 -8.13
CA THR B 55 11.87 -11.89 -8.99
C THR B 55 13.11 -12.76 -8.70
N ALA B 56 13.44 -12.95 -7.43
CA ALA B 56 14.56 -13.82 -7.07
C ALA B 56 14.39 -15.26 -7.60
N ASP B 57 13.16 -15.76 -7.60
CA ASP B 57 12.91 -17.12 -8.09
C ASP B 57 12.96 -17.16 -9.62
N ASN B 58 12.35 -16.15 -10.23
CA ASN B 58 12.31 -15.99 -11.67
C ASN B 58 13.73 -16.02 -12.26
N PHE B 59 14.65 -15.37 -11.57
CA PHE B 59 16.04 -15.27 -12.01
C PHE B 59 17.00 -16.24 -11.30
N ALA B 60 16.46 -17.28 -10.66
CA ALA B 60 17.28 -18.18 -9.84
C ALA B 60 18.43 -18.84 -10.62
N ASN B 61 18.21 -19.16 -11.88
CA ASN B 61 19.26 -19.78 -12.70
C ASN B 61 20.47 -18.88 -12.86
N ILE B 62 20.25 -17.57 -12.81
CA ILE B 62 21.36 -16.63 -12.87
C ILE B 62 21.88 -16.37 -11.46
N ILE B 63 20.98 -16.02 -10.55
CA ILE B 63 21.37 -15.65 -9.19
C ILE B 63 22.19 -16.74 -8.49
N ASP B 64 21.71 -17.99 -8.55
CA ASP B 64 22.42 -19.08 -7.88
C ASP B 64 23.83 -19.32 -8.44
N LYS B 65 24.10 -18.86 -9.66
CA LYS B 65 25.43 -19.01 -10.24
C LYS B 65 26.33 -17.77 -10.06
N LEU B 66 25.82 -16.71 -9.45
CA LEU B 66 26.62 -15.50 -9.21
C LEU B 66 27.45 -15.60 -7.93
N PRO B 67 28.77 -15.36 -8.04
CA PRO B 67 29.67 -15.50 -6.90
C PRO B 67 29.25 -14.61 -5.74
N ASP B 68 29.57 -15.03 -4.53
CA ASP B 68 29.13 -14.35 -3.32
C ASP B 68 29.70 -12.94 -3.18
N SER B 69 30.80 -12.67 -3.88
CA SER B 69 31.41 -11.34 -3.86
C SER B 69 30.56 -10.34 -4.65
N ILE B 70 29.58 -10.85 -5.38
CA ILE B 70 28.67 -10.00 -6.16
C ILE B 70 27.38 -9.77 -5.37
N GLY B 71 27.03 -8.50 -5.17
CA GLY B 71 25.79 -8.13 -4.50
C GLY B 71 24.58 -8.49 -5.33
N ILE B 72 23.42 -8.61 -4.69
CA ILE B 72 22.19 -8.95 -5.39
C ILE B 72 21.08 -8.06 -4.85
N LEU B 73 20.24 -7.56 -5.76
CA LEU B 73 18.99 -6.89 -5.37
C LEU B 73 17.89 -7.31 -6.33
N THR B 74 16.85 -7.93 -5.80
CA THR B 74 15.69 -8.26 -6.60
C THR B 74 14.45 -7.54 -6.06
N ILE B 75 13.56 -7.15 -6.96
CA ILE B 75 12.43 -6.30 -6.60
C ILE B 75 11.18 -6.93 -7.21
N ASP B 76 10.16 -7.15 -6.40
CA ASP B 76 8.89 -7.65 -6.92
C ASP B 76 7.92 -6.47 -7.21
N ALA B 77 7.45 -6.38 -8.45
CA ALA B 77 6.46 -5.37 -8.82
C ALA B 77 5.18 -5.57 -8.01
N PRO B 78 4.42 -4.47 -7.82
CA PRO B 78 3.07 -4.62 -7.24
C PRO B 78 2.28 -5.72 -7.94
N ASN B 79 1.41 -6.42 -7.21
CA ASN B 79 0.62 -7.50 -7.78
C ASN B 79 1.46 -8.65 -8.37
N SER B 80 2.66 -8.83 -7.85
CA SER B 80 3.48 -9.95 -8.31
C SER B 80 4.33 -10.50 -7.18
N GLY B 81 4.70 -11.77 -7.29
CA GLY B 81 5.59 -12.37 -6.33
C GLY B 81 5.11 -12.15 -4.91
N TYR B 82 6.00 -11.64 -4.06
CA TYR B 82 5.66 -11.40 -2.67
C TYR B 82 5.39 -9.92 -2.36
N SER B 83 5.29 -9.09 -3.39
CA SER B 83 4.86 -7.71 -3.14
C SER B 83 3.36 -7.66 -2.89
N PRO B 84 2.88 -6.59 -2.20
CA PRO B 84 1.46 -6.52 -1.84
C PRO B 84 0.56 -6.37 -3.09
N VAL B 85 -0.70 -6.77 -2.99
CA VAL B 85 -1.64 -6.47 -4.07
C VAL B 85 -2.26 -5.10 -3.83
N SER B 86 -2.49 -4.37 -4.92
CA SER B 86 -3.10 -3.03 -4.84
C SER B 86 -3.52 -2.62 -6.23
N ASN B 87 -4.54 -1.77 -6.31
CA ASN B 87 -4.96 -1.23 -7.59
C ASN B 87 -3.83 -0.41 -8.20
N GLN B 88 -3.46 -0.73 -9.44
CA GLN B 88 -2.38 -0.02 -10.12
C GLN B 88 -2.97 0.96 -11.14
N ALA B 89 -4.30 1.08 -11.14
CA ALA B 89 -5.00 1.99 -12.07
C ALA B 89 -4.40 3.39 -12.17
N ASN B 90 -3.97 3.94 -11.04
CA ASN B 90 -3.56 5.34 -11.00
C ASN B 90 -2.04 5.50 -10.94
N VAL B 91 -1.33 4.41 -11.22
CA VAL B 91 0.12 4.43 -11.18
C VAL B 91 0.69 4.64 -12.57
N GLY B 92 1.70 5.51 -12.68
CA GLY B 92 2.44 5.68 -13.92
C GLY B 92 3.84 5.09 -13.81
N LEU B 93 4.51 4.89 -14.95
CA LEU B 93 5.87 4.37 -14.92
C LEU B 93 6.77 5.26 -14.06
N ARG B 94 6.53 6.57 -14.11
CA ARG B 94 7.35 7.50 -13.35
C ARG B 94 7.27 7.17 -11.86
N ASP B 95 6.09 6.78 -11.39
CA ASP B 95 5.91 6.41 -9.99
C ASP B 95 6.71 5.16 -9.64
N TRP B 96 6.66 4.16 -10.52
CA TRP B 96 7.35 2.89 -10.29
C TRP B 96 8.86 3.12 -10.33
N VAL B 97 9.32 3.98 -11.24
CA VAL B 97 10.74 4.29 -11.31
C VAL B 97 11.18 4.97 -10.02
N ASN B 98 10.39 5.92 -9.54
CA ASN B 98 10.75 6.63 -8.31
C ASN B 98 10.84 5.71 -7.09
N ALA B 99 9.93 4.74 -7.00
CA ALA B 99 9.96 3.74 -5.93
C ALA B 99 11.24 2.91 -6.02
N ILE B 100 11.52 2.42 -7.23
CA ILE B 100 12.75 1.66 -7.42
C ILE B 100 13.97 2.48 -7.00
N LEU B 101 13.99 3.75 -7.37
CA LEU B 101 15.11 4.62 -7.02
C LEU B 101 15.25 4.78 -5.51
N MSE B 102 14.11 4.85 -4.81
CA MSE B 102 14.12 4.86 -3.35
C MSE B 102 14.72 3.57 -2.85
O MSE B 102 15.43 3.53 -1.84
CB MSE B 102 12.71 4.98 -2.77
CG MSE B 102 12.12 6.36 -2.85
SE MSE B 102 10.50 6.43 -1.76
CE MSE B 102 11.27 5.90 -0.04
N ILE B 103 14.41 2.48 -3.54
CA ILE B 103 14.96 1.18 -3.14
C ILE B 103 16.49 1.18 -3.32
N PHE B 104 16.96 1.64 -4.47
CA PHE B 104 18.40 1.80 -4.69
C PHE B 104 19.06 2.55 -3.54
N GLU B 105 18.46 3.67 -3.15
CA GLU B 105 19.06 4.51 -2.12
C GLU B 105 18.99 3.81 -0.76
N HIS B 106 18.10 2.84 -0.63
CA HIS B 106 17.96 2.12 0.63
C HIS B 106 19.19 1.26 0.96
N PHE B 107 19.90 0.84 -0.08
CA PHE B 107 21.04 -0.06 0.09
C PHE B 107 22.39 0.61 -0.22
N LYS B 108 23.47 -0.03 0.22
CA LYS B 108 24.81 0.55 0.23
C LYS B 108 25.58 0.49 -1.11
N PHE B 109 25.21 -0.43 -1.98
CA PHE B 109 25.99 -0.61 -3.21
C PHE B 109 26.25 0.71 -3.94
N GLN B 110 27.45 0.83 -4.52
CA GLN B 110 27.84 2.06 -5.20
C GLN B 110 27.79 1.92 -6.72
N SER B 111 27.94 0.69 -7.20
CA SER B 111 27.88 0.40 -8.62
C SER B 111 26.98 -0.80 -8.84
N TYR B 112 26.41 -0.93 -10.03
CA TYR B 112 25.47 -2.01 -10.27
C TYR B 112 25.45 -2.38 -11.75
N LEU B 113 24.95 -3.57 -12.01
CA LEU B 113 24.47 -3.91 -13.34
C LEU B 113 23.00 -4.19 -13.22
N LEU B 114 22.26 -3.92 -14.28
CA LEU B 114 20.83 -4.11 -14.26
C LEU B 114 20.44 -5.22 -15.23
N CYS B 115 19.76 -6.24 -14.71
CA CYS B 115 19.38 -7.39 -15.53
C CYS B 115 17.88 -7.53 -15.49
N VAL B 116 17.25 -7.48 -16.67
CA VAL B 116 15.80 -7.47 -16.75
C VAL B 116 15.26 -8.36 -17.86
N HIS B 117 13.98 -8.71 -17.71
CA HIS B 117 13.29 -9.48 -18.72
C HIS B 117 12.07 -8.70 -19.19
N SER B 118 11.81 -8.71 -20.49
CA SER B 118 10.54 -8.23 -21.00
C SER B 118 10.24 -6.79 -20.53
N ILE B 119 9.06 -6.55 -19.95
CA ILE B 119 8.63 -5.17 -19.69
C ILE B 119 9.48 -4.44 -18.67
N GLY B 120 10.28 -5.20 -17.92
CA GLY B 120 11.24 -4.60 -17.00
C GLY B 120 12.18 -3.62 -17.69
N GLY B 121 12.27 -3.70 -19.02
CA GLY B 121 13.12 -2.82 -19.78
C GLY B 121 12.74 -1.35 -19.66
N PHE B 122 11.45 -1.07 -19.54
CA PHE B 122 11.01 0.33 -19.48
C PHE B 122 11.53 1.06 -18.25
N ALA B 123 11.31 0.48 -17.07
CA ALA B 123 11.86 1.04 -15.83
C ALA B 123 13.37 1.13 -15.89
N ALA B 124 13.99 0.08 -16.43
CA ALA B 124 15.45 -0.02 -16.49
C ALA B 124 16.10 1.21 -17.11
N LEU B 125 15.60 1.62 -18.27
CA LEU B 125 16.18 2.74 -19.00
C LEU B 125 16.06 4.04 -18.18
N GLN B 126 14.95 4.20 -17.49
CA GLN B 126 14.75 5.40 -16.68
C GLN B 126 15.69 5.37 -15.49
N ILE B 127 15.82 4.21 -14.88
CA ILE B 127 16.69 4.02 -13.74
C ILE B 127 18.14 4.37 -14.08
N MSE B 128 18.64 3.83 -15.19
CA MSE B 128 20.06 4.05 -15.49
C MSE B 128 20.29 5.52 -15.84
O MSE B 128 21.36 6.07 -15.58
CB MSE B 128 20.53 3.13 -16.62
CG MSE B 128 20.53 1.65 -16.22
SE MSE B 128 21.10 0.49 -17.69
CE MSE B 128 19.53 0.78 -18.87
N ASN B 129 19.27 6.15 -16.40
CA ASN B 129 19.34 7.57 -16.73
C ASN B 129 19.29 8.47 -15.49
N GLN B 130 18.62 8.01 -14.44
CA GLN B 130 18.39 8.85 -13.26
C GLN B 130 19.24 8.57 -12.02
N SER B 131 19.53 7.30 -11.74
CA SER B 131 20.33 6.95 -10.57
C SER B 131 21.74 7.52 -10.64
N SER B 132 22.20 8.12 -9.55
CA SER B 132 23.57 8.64 -9.51
C SER B 132 24.60 7.54 -9.22
N LYS B 133 24.11 6.32 -8.96
CA LYS B 133 25.00 5.18 -8.76
C LYS B 133 25.59 4.77 -10.10
N ALA B 134 26.76 4.13 -10.07
CA ALA B 134 27.47 3.79 -11.30
C ALA B 134 26.93 2.51 -11.92
N CYS B 135 26.28 2.65 -13.07
CA CYS B 135 25.82 1.48 -13.81
C CYS B 135 26.95 0.92 -14.65
N LEU B 136 27.32 -0.33 -14.39
CA LEU B 136 28.44 -0.94 -15.09
C LEU B 136 27.97 -1.77 -16.28
N GLY B 137 26.66 -1.92 -16.44
CA GLY B 137 26.17 -2.72 -17.54
C GLY B 137 24.68 -2.97 -17.52
N PHE B 138 24.11 -3.13 -18.72
CA PHE B 138 22.73 -3.57 -18.87
C PHE B 138 22.71 -4.97 -19.46
N ILE B 139 21.93 -5.87 -18.85
CA ILE B 139 21.70 -7.19 -19.43
C ILE B 139 20.22 -7.39 -19.68
N GLY B 140 19.81 -7.33 -20.95
CA GLY B 140 18.42 -7.44 -21.29
C GLY B 140 18.05 -8.79 -21.88
N LEU B 141 17.12 -9.48 -21.23
CA LEU B 141 16.57 -10.70 -21.78
C LEU B 141 15.27 -10.38 -22.50
N GLU B 142 15.33 -10.30 -23.83
CA GLU B 142 14.21 -9.81 -24.64
C GLU B 142 13.44 -8.68 -23.97
N PRO B 143 14.12 -7.55 -23.70
CA PRO B 143 13.42 -6.42 -23.09
C PRO B 143 12.45 -5.81 -24.10
N THR B 144 11.32 -5.34 -23.59
CA THR B 144 10.25 -4.81 -24.44
C THR B 144 10.67 -3.50 -25.11
N THR B 145 10.67 -3.49 -26.43
CA THR B 145 10.99 -2.25 -27.15
C THR B 145 9.75 -1.38 -27.25
N VAL B 146 9.95 -0.08 -27.31
CA VAL B 146 8.88 0.88 -27.52
C VAL B 146 8.10 0.51 -28.79
N MSE B 147 8.82 0.08 -29.82
CA MSE B 147 8.16 -0.32 -31.07
C MSE B 147 7.13 -1.40 -30.84
O MSE B 147 5.94 -1.23 -31.15
CB MSE B 147 9.17 -0.79 -32.10
CG MSE B 147 8.51 -1.51 -33.28
SE MSE B 147 9.74 -1.92 -34.71
CE MSE B 147 10.54 -3.55 -34.00
N ILE B 148 7.57 -2.53 -30.28
CA ILE B 148 6.69 -3.67 -30.07
C ILE B 148 5.52 -3.32 -29.13
N TYR B 149 5.75 -2.43 -28.18
CA TYR B 149 4.70 -2.04 -27.26
C TYR B 149 3.64 -1.20 -27.98
N ARG B 150 4.09 -0.27 -28.82
CA ARG B 150 3.18 0.53 -29.63
C ARG B 150 2.32 -0.36 -30.52
N ALA B 151 2.96 -1.33 -31.16
CA ALA B 151 2.26 -2.24 -32.05
C ALA B 151 1.16 -2.98 -31.29
N GLY B 152 1.50 -3.47 -30.10
CA GLY B 152 0.55 -4.20 -29.27
C GLY B 152 -0.58 -3.32 -28.80
N PHE B 153 -0.25 -2.09 -28.42
CA PHE B 153 -1.26 -1.12 -28.01
C PHE B 153 -2.20 -0.83 -29.18
N SER B 154 -1.62 -0.50 -30.32
CA SER B 154 -2.41 -0.18 -31.52
C SER B 154 -3.23 -1.38 -32.00
N SER B 155 -2.73 -2.59 -31.80
CA SER B 155 -3.43 -3.80 -32.24
C SER B 155 -4.82 -4.00 -31.61
N ASP B 156 -5.09 -3.37 -30.47
CA ASP B 156 -6.43 -3.44 -29.88
C ASP B 156 -7.47 -2.73 -30.75
N LEU B 157 -7.08 -1.59 -31.32
CA LEU B 157 -7.95 -0.82 -32.21
C LEU B 157 -7.84 -1.29 -33.66
N TYR B 158 -6.65 -1.74 -34.03
CA TYR B 158 -6.40 -2.21 -35.38
C TYR B 158 -5.86 -3.62 -35.33
N PRO B 159 -6.76 -4.61 -35.37
CA PRO B 159 -6.47 -6.04 -35.28
C PRO B 159 -5.45 -6.48 -36.35
N GLN B 160 -5.47 -5.83 -37.50
CA GLN B 160 -4.54 -6.15 -38.58
C GLN B 160 -3.08 -6.05 -38.17
N LEU B 161 -2.80 -5.43 -37.03
CA LEU B 161 -1.42 -5.27 -36.58
C LEU B 161 -0.94 -6.50 -35.80
N ALA B 162 -1.75 -7.55 -35.77
CA ALA B 162 -1.37 -8.79 -35.10
C ALA B 162 -2.30 -9.93 -35.45
N THR B 170 -5.18 -21.21 -24.54
CA THR B 170 -5.94 -20.53 -23.49
C THR B 170 -5.11 -20.36 -22.22
N ALA B 171 -5.73 -19.80 -21.19
CA ALA B 171 -5.06 -19.54 -19.92
C ALA B 171 -4.42 -20.80 -19.34
N ALA B 172 -5.21 -21.86 -19.20
CA ALA B 172 -4.71 -23.10 -18.65
C ALA B 172 -3.59 -23.66 -19.51
N ASP B 173 -3.66 -23.37 -20.81
CA ASP B 173 -2.61 -23.78 -21.74
C ASP B 173 -1.30 -23.12 -21.36
N ARG B 174 -1.34 -21.80 -21.23
CA ARG B 174 -0.15 -21.02 -20.91
C ARG B 174 0.43 -21.42 -19.56
N LEU B 175 -0.43 -21.54 -18.57
CA LEU B 175 0.00 -21.92 -17.22
C LEU B 175 0.71 -23.26 -17.25
N ASN B 176 0.23 -24.17 -18.11
CA ASN B 176 0.85 -25.49 -18.22
C ASN B 176 2.14 -25.47 -19.03
N TYR B 177 2.20 -24.60 -20.04
CA TYR B 177 3.44 -24.38 -20.78
C TYR B 177 4.53 -23.87 -19.85
N LEU B 178 4.21 -22.86 -19.04
CA LEU B 178 5.18 -22.29 -18.12
C LEU B 178 5.65 -23.33 -17.10
N LYS B 179 4.74 -24.19 -16.65
CA LYS B 179 5.12 -25.23 -15.69
C LYS B 179 6.09 -26.22 -16.33
N ASP B 180 5.72 -26.73 -17.49
CA ASP B 180 6.58 -27.67 -18.19
C ASP B 180 7.94 -27.04 -18.47
N LEU B 181 7.93 -25.82 -18.98
CA LEU B 181 9.14 -25.11 -19.33
C LEU B 181 10.06 -24.91 -18.11
N SER B 182 9.48 -24.43 -17.01
CA SER B 182 10.27 -24.21 -15.80
C SER B 182 10.81 -25.52 -15.24
N ARG B 183 10.03 -26.60 -15.42
CA ARG B 183 10.41 -27.92 -14.93
C ARG B 183 11.68 -28.43 -15.62
N SER B 184 11.83 -28.12 -16.90
CA SER B 184 13.02 -28.49 -17.64
C SER B 184 14.23 -27.65 -17.24
N HIS B 185 14.01 -26.39 -16.90
CA HIS B 185 15.10 -25.44 -16.76
C HIS B 185 15.52 -25.11 -15.33
N PHE B 186 14.75 -25.54 -14.35
CA PHE B 186 15.11 -25.31 -12.94
C PHE B 186 15.34 -26.65 -12.25
N SER B 187 16.11 -26.66 -11.17
CA SER B 187 16.20 -27.82 -10.30
C SER B 187 14.85 -27.97 -9.60
N SER B 188 14.57 -29.13 -9.04
CA SER B 188 13.30 -29.34 -8.35
C SER B 188 13.11 -28.33 -7.21
N GLN B 189 14.20 -28.04 -6.50
CA GLN B 189 14.14 -27.05 -5.44
C GLN B 189 13.80 -25.66 -6.00
N GLN B 190 14.46 -25.26 -7.09
CA GLN B 190 14.18 -23.96 -7.72
C GLN B 190 12.77 -23.87 -8.30
N PHE B 191 12.32 -24.96 -8.91
CA PHE B 191 10.97 -25.05 -9.43
C PHE B 191 9.94 -24.91 -8.31
N LYS B 192 10.19 -25.56 -7.18
CA LYS B 192 9.31 -25.53 -6.02
C LYS B 192 9.14 -24.09 -5.51
N GLN B 193 10.26 -23.39 -5.36
CA GLN B 193 10.26 -22.00 -4.93
C GLN B 193 9.55 -21.10 -5.93
N LEU B 194 9.82 -21.33 -7.22
CA LEU B 194 9.24 -20.54 -8.28
C LEU B 194 7.71 -20.52 -8.17
N TRP B 195 7.13 -21.71 -8.11
CA TRP B 195 5.67 -21.82 -8.09
C TRP B 195 5.04 -21.48 -6.74
N ARG B 196 5.81 -21.59 -5.66
CA ARG B 196 5.33 -21.07 -4.38
C ARG B 196 5.03 -19.57 -4.46
N GLY B 197 5.95 -18.82 -5.04
CA GLY B 197 5.76 -17.37 -5.22
C GLY B 197 4.56 -17.09 -6.11
N TYR B 198 4.49 -17.79 -7.24
CA TYR B 198 3.36 -17.63 -8.14
C TYR B 198 2.02 -17.91 -7.43
N ASP B 199 1.96 -19.03 -6.71
CA ASP B 199 0.71 -19.44 -6.06
C ASP B 199 0.33 -18.47 -4.94
N TYR B 200 1.31 -17.96 -4.22
CA TYR B 200 1.07 -16.99 -3.15
C TYR B 200 0.45 -15.71 -3.71
N CYS B 201 1.03 -15.24 -4.81
CA CYS B 201 0.57 -14.03 -5.47
C CYS B 201 -0.85 -14.21 -6.00
N GLN B 202 -1.11 -15.36 -6.59
CA GLN B 202 -2.45 -15.64 -7.08
C GLN B 202 -3.46 -15.66 -5.92
N ARG B 203 -3.08 -16.26 -4.80
CA ARG B 203 -3.95 -16.26 -3.63
C ARG B 203 -4.31 -14.84 -3.16
N GLN B 204 -3.32 -13.95 -3.11
CA GLN B 204 -3.61 -12.56 -2.72
C GLN B 204 -4.49 -11.87 -3.76
N LEU B 205 -4.18 -12.09 -5.04
CA LEU B 205 -4.94 -11.48 -6.13
C LEU B 205 -6.41 -11.89 -6.11
N ASN B 206 -6.69 -13.10 -5.62
CA ASN B 206 -8.09 -13.52 -5.49
C ASN B 206 -8.92 -12.52 -4.70
N ASP B 207 -8.29 -11.77 -3.79
CA ASP B 207 -9.04 -10.83 -2.94
C ASP B 207 -9.49 -9.56 -3.65
N VAL B 208 -8.83 -9.20 -4.75
CA VAL B 208 -9.12 -7.92 -5.39
C VAL B 208 -9.33 -8.01 -6.90
N GLN B 209 -8.96 -9.15 -7.47
CA GLN B 209 -8.91 -9.29 -8.92
C GLN B 209 -10.25 -9.05 -9.60
N SER B 210 -11.32 -9.53 -8.98
CA SER B 210 -12.64 -9.51 -9.58
C SER B 210 -13.32 -8.13 -9.52
N LEU B 211 -12.78 -7.22 -8.73
CA LEU B 211 -13.34 -5.87 -8.62
C LEU B 211 -13.22 -5.12 -9.94
N PRO B 212 -14.33 -4.53 -10.40
CA PRO B 212 -14.38 -3.83 -11.69
C PRO B 212 -13.28 -2.78 -11.84
N ASP B 213 -13.01 -2.03 -10.78
CA ASP B 213 -12.01 -0.97 -10.81
C ASP B 213 -10.55 -1.48 -10.84
N PHE B 214 -10.33 -2.75 -10.53
CA PHE B 214 -8.97 -3.26 -10.39
C PHE B 214 -8.18 -3.35 -11.71
N LYS B 215 -7.03 -2.71 -11.74
CA LYS B 215 -6.06 -2.85 -12.82
C LYS B 215 -4.79 -3.45 -12.24
N ILE B 216 -4.31 -4.51 -12.88
CA ILE B 216 -3.16 -5.25 -12.34
C ILE B 216 -1.82 -4.52 -12.50
N ARG B 217 -1.66 -3.70 -13.53
CA ARG B 217 -0.38 -3.01 -13.70
C ARG B 217 -0.47 -1.59 -14.23
N LEU B 218 0.54 -0.79 -13.91
CA LEU B 218 0.57 0.61 -14.30
C LEU B 218 0.48 0.74 -15.81
N ALA B 219 0.04 1.91 -16.27
CA ALA B 219 -0.10 2.17 -17.68
C ALA B 219 1.08 2.98 -18.21
N LEU B 220 1.61 2.57 -19.36
CA LEU B 220 2.64 3.32 -20.05
C LEU B 220 2.03 4.39 -20.96
N GLY B 221 2.59 5.59 -20.90
CA GLY B 221 2.23 6.63 -21.85
C GLY B 221 3.45 6.95 -22.70
N GLU B 222 3.27 7.75 -23.74
CA GLU B 222 4.39 8.09 -24.63
C GLU B 222 5.49 8.87 -23.91
N GLU B 223 5.10 9.50 -22.81
CA GLU B 223 6.01 10.25 -21.95
C GLU B 223 7.13 9.38 -21.37
N ASP B 224 6.95 8.06 -21.45
CA ASP B 224 7.90 7.14 -20.83
C ASP B 224 8.92 6.56 -21.83
N PHE B 225 8.87 7.04 -23.07
CA PHE B 225 9.63 6.42 -24.15
C PHE B 225 10.70 7.31 -24.77
N LYS B 226 11.28 8.22 -23.98
CA LYS B 226 12.22 9.19 -24.53
C LYS B 226 13.68 8.93 -24.15
N THR B 227 13.93 7.76 -23.55
CA THR B 227 15.25 7.46 -23.03
C THR B 227 15.90 6.28 -23.73
N GLY B 228 17.17 6.43 -24.09
CA GLY B 228 17.99 5.32 -24.55
C GLY B 228 18.96 4.94 -23.46
N ILE B 229 20.05 4.25 -23.83
CA ILE B 229 21.09 3.91 -22.86
C ILE B 229 22.37 4.69 -23.14
N SER B 230 22.87 5.38 -22.12
CA SER B 230 24.11 6.15 -22.26
C SER B 230 25.22 5.33 -22.90
N GLU B 231 26.01 5.97 -23.76
CA GLU B 231 27.14 5.33 -24.42
C GLU B 231 28.16 4.84 -23.39
N LYS B 232 28.12 5.42 -22.19
CA LYS B 232 29.01 5.03 -21.11
C LYS B 232 28.67 3.67 -20.54
N ILE B 233 27.51 3.14 -20.90
CA ILE B 233 27.02 1.88 -20.33
C ILE B 233 26.97 0.76 -21.37
N PRO B 234 27.74 -0.31 -21.14
CA PRO B 234 27.66 -1.44 -22.05
C PRO B 234 26.33 -2.17 -21.89
N SER B 235 25.72 -2.50 -23.02
CA SER B 235 24.43 -3.17 -23.03
C SER B 235 24.61 -4.54 -23.66
N ILE B 236 24.21 -5.58 -22.94
CA ILE B 236 24.19 -6.91 -23.54
C ILE B 236 22.74 -7.36 -23.64
N VAL B 237 22.30 -7.57 -24.87
CA VAL B 237 20.91 -7.93 -25.13
C VAL B 237 20.83 -9.33 -25.72
N PHE B 238 19.98 -10.17 -25.14
CA PHE B 238 19.74 -11.51 -25.66
C PHE B 238 18.35 -11.56 -26.27
N SER B 239 18.26 -12.09 -27.48
CA SER B 239 16.97 -12.19 -28.16
C SER B 239 16.90 -13.42 -29.06
N GLU B 240 15.69 -13.96 -29.19
CA GLU B 240 15.45 -14.98 -30.19
C GLU B 240 15.80 -14.37 -31.54
N SER B 241 16.47 -15.16 -32.38
CA SER B 241 16.98 -14.65 -33.66
C SER B 241 15.95 -13.86 -34.45
N PHE B 242 14.70 -14.30 -34.43
CA PHE B 242 13.70 -13.68 -35.31
C PHE B 242 13.47 -12.21 -34.96
N ARG B 243 13.91 -11.80 -33.77
CA ARG B 243 13.81 -10.41 -33.37
C ARG B 243 15.10 -9.63 -33.62
N GLU B 244 16.03 -10.22 -34.35
CA GLU B 244 17.32 -9.58 -34.54
C GLU B 244 17.24 -8.11 -34.98
N LYS B 245 16.54 -7.87 -36.08
CA LYS B 245 16.40 -6.52 -36.63
C LYS B 245 15.71 -5.59 -35.63
N GLU B 246 14.65 -6.07 -34.98
CA GLU B 246 13.96 -5.28 -33.98
C GLU B 246 14.91 -4.72 -32.90
N TYR B 247 15.82 -5.54 -32.38
CA TYR B 247 16.72 -5.03 -31.35
C TYR B 247 17.86 -4.16 -31.89
N LEU B 248 18.33 -4.46 -33.11
CA LEU B 248 19.41 -3.68 -33.73
C LEU B 248 19.03 -2.21 -33.88
N GLU B 249 17.75 -1.94 -34.13
CA GLU B 249 17.28 -0.58 -34.28
C GLU B 249 16.70 -0.02 -32.99
N SER B 250 16.79 -0.79 -31.91
CA SER B 250 16.08 -0.42 -30.67
C SER B 250 16.84 0.53 -29.74
N GLU B 251 16.13 1.00 -28.71
CA GLU B 251 16.72 1.90 -27.72
C GLU B 251 17.65 1.18 -26.74
N TYR B 252 17.77 -0.14 -26.90
CA TYR B 252 18.56 -0.95 -25.98
C TYR B 252 20.00 -1.18 -26.45
N LEU B 253 20.33 -0.67 -27.64
CA LEU B 253 21.69 -0.80 -28.16
C LEU B 253 22.35 0.55 -28.32
N ASN B 254 23.65 0.61 -28.04
CA ASN B 254 24.45 1.82 -28.25
C ASN B 254 25.74 1.50 -28.98
N LYS B 255 26.71 2.40 -28.96
CA LYS B 255 27.96 2.19 -29.66
C LYS B 255 29.11 1.81 -28.72
N HIS B 256 28.80 1.59 -27.44
CA HIS B 256 29.85 1.16 -26.51
C HIS B 256 30.51 -0.07 -27.12
N THR B 257 31.83 -0.19 -26.93
CA THR B 257 32.56 -1.30 -27.58
C THR B 257 32.26 -2.66 -26.96
N GLN B 258 31.81 -2.68 -25.71
CA GLN B 258 31.48 -3.93 -25.03
C GLN B 258 30.03 -4.30 -25.23
N THR B 259 29.30 -3.43 -25.92
CA THR B 259 27.88 -3.66 -26.19
C THR B 259 27.70 -4.77 -27.23
N LYS B 260 26.73 -5.65 -27.00
CA LYS B 260 26.51 -6.81 -27.84
C LYS B 260 25.05 -7.23 -27.93
N LEU B 261 24.64 -7.66 -29.12
CA LEU B 261 23.37 -8.35 -29.28
C LEU B 261 23.65 -9.83 -29.48
N ILE B 262 23.06 -10.66 -28.63
CA ILE B 262 23.26 -12.10 -28.71
C ILE B 262 21.96 -12.76 -29.13
N LEU B 263 21.98 -13.43 -30.28
CA LEU B 263 20.79 -14.10 -30.78
C LEU B 263 20.86 -15.58 -30.39
N CYS B 264 19.87 -16.03 -29.62
CA CYS B 264 19.89 -17.37 -29.09
C CYS B 264 18.53 -17.72 -28.54
N GLY B 265 18.28 -19.01 -28.34
CA GLY B 265 17.12 -19.46 -27.59
C GLY B 265 15.92 -19.81 -28.44
N GLN B 266 15.03 -20.60 -27.88
CA GLN B 266 13.86 -21.05 -28.60
C GLN B 266 12.58 -20.53 -27.96
N HIS B 267 12.72 -19.71 -26.93
CA HIS B 267 11.53 -19.10 -26.33
C HIS B 267 11.80 -17.80 -25.57
N HIS B 268 10.72 -17.19 -25.09
CA HIS B 268 10.77 -15.86 -24.51
C HIS B 268 11.55 -15.79 -23.21
N TYR B 269 11.57 -16.91 -22.48
CA TYR B 269 12.16 -16.90 -21.15
C TYR B 269 13.65 -17.26 -21.18
N LEU B 270 14.44 -16.42 -21.84
CA LEU B 270 15.87 -16.67 -22.03
C LEU B 270 16.61 -16.70 -20.70
N HIS B 271 16.09 -15.96 -19.71
CA HIS B 271 16.71 -15.96 -18.38
C HIS B 271 16.52 -17.30 -17.68
N TRP B 272 15.64 -18.15 -18.23
CA TRP B 272 15.50 -19.51 -17.74
C TRP B 272 16.40 -20.47 -18.52
N SER B 273 16.40 -20.32 -19.85
CA SER B 273 16.99 -21.33 -20.74
C SER B 273 18.43 -21.10 -21.19
N GLU B 274 18.88 -19.86 -21.22
CA GLU B 274 20.20 -19.56 -21.78
C GLU B 274 21.18 -19.04 -20.74
N THR B 275 21.06 -19.48 -19.49
CA THR B 275 21.88 -18.86 -18.46
C THR B 275 23.36 -19.08 -18.70
N ASN B 276 23.74 -20.20 -19.30
CA ASN B 276 25.15 -20.44 -19.61
C ASN B 276 25.71 -19.33 -20.49
N SER B 277 24.99 -19.00 -21.56
CA SER B 277 25.45 -17.94 -22.45
C SER B 277 25.42 -16.60 -21.72
N ILE B 278 24.35 -16.36 -20.97
CA ILE B 278 24.23 -15.13 -20.21
C ILE B 278 25.41 -14.95 -19.26
N LEU B 279 25.69 -15.98 -18.46
CA LEU B 279 26.78 -15.91 -17.49
C LEU B 279 28.14 -15.70 -18.15
N GLU B 280 28.33 -16.34 -19.29
CA GLU B 280 29.56 -16.18 -20.07
C GLU B 280 29.78 -14.71 -20.44
N LYS B 281 28.72 -14.04 -20.87
CA LYS B 281 28.78 -12.64 -21.26
C LYS B 281 28.96 -11.74 -20.05
N VAL B 282 28.29 -12.07 -18.96
CA VAL B 282 28.52 -11.38 -17.69
C VAL B 282 30.01 -11.42 -17.35
N GLU B 283 30.57 -12.62 -17.34
CA GLU B 283 31.99 -12.81 -16.97
C GLU B 283 32.91 -11.92 -17.80
N GLN B 284 32.64 -11.81 -19.10
CA GLN B 284 33.45 -10.97 -19.97
C GLN B 284 33.34 -9.49 -19.58
N LEU B 285 32.12 -9.04 -19.33
CA LEU B 285 31.91 -7.67 -18.84
C LEU B 285 32.70 -7.39 -17.57
N LEU B 286 32.57 -8.27 -16.58
CA LEU B 286 33.25 -8.09 -15.30
C LEU B 286 34.78 -8.11 -15.42
N SER B 287 35.28 -8.72 -16.50
CA SER B 287 36.73 -8.82 -16.67
C SER B 287 37.29 -7.51 -17.22
N ASN B 288 36.45 -6.70 -17.85
CA ASN B 288 36.91 -5.52 -18.56
C ASN B 288 36.32 -4.16 -18.13
N HIS B 289 35.87 -4.07 -16.88
CA HIS B 289 35.35 -2.81 -16.33
C HIS B 289 35.99 -1.58 -16.99
C1 GOL C . 0.32 6.62 -7.01
O1 GOL C . -0.95 6.96 -7.54
C2 GOL C . 1.08 7.90 -6.71
O2 GOL C . 0.27 8.73 -5.91
C3 GOL C . 2.35 7.56 -5.95
O3 GOL C . 3.02 8.75 -5.63
C1 GOL D . -6.67 4.81 -5.65
O1 GOL D . -5.73 5.50 -6.44
C2 GOL D . -7.26 3.69 -6.51
O2 GOL D . -6.20 2.94 -7.04
C3 GOL D . -8.12 2.78 -5.64
O3 GOL D . -8.82 1.85 -6.44
#